data_6D0B
#
_entry.id   6D0B
#
_cell.length_a   73.841
_cell.length_b   83.254
_cell.length_c   41.474
_cell.angle_alpha   90.000
_cell.angle_beta   106.940
_cell.angle_gamma   90.000
#
_symmetry.space_group_name_H-M   'C 1 2 1'
#
loop_
_entity.id
_entity.type
_entity.pdbx_description
1 polymer 'Endothelial PAS domain-containing protein 1'
2 polymer 'Aryl hydrocarbon receptor nuclear translocator'
3 non-polymer N-(3-chloro-5-fluorophenyl)-2-nitro-4-[(trifluoromethyl)sulfonyl]aniline
4 water water
#
loop_
_entity_poly.entity_id
_entity_poly.type
_entity_poly.pdbx_seq_one_letter_code
_entity_poly.pdbx_strand_id
1 'polypeptide(L)'
;GEFKGLDSKTFLSEHSMDMKFTYCDDRITELIGYHPEELLGRSAYEFYHALDSENMTKSHQNLCTKGQVVSGQYRMLAKH
GGYVWLETQGTVIYNPRNLQPQCIMCVNYVLSEIEKN
;
A
2 'polypeptide(L)'
;GEFKGLNVCQPTRFISRHNIEGIFTFVDHRCVATVGYQPQELLGKNIVEFCHPEDQQLLRDSFQQVVKLKGQVLSVMFRF
RSKNQEWLWMRTSSFTFQNPYSDEIEYIICTNTNVKNSSQE
;
B
#
loop_
_chem_comp.id
_chem_comp.type
_chem_comp.name
_chem_comp.formula
FOV non-polymer N-(3-chloro-5-fluorophenyl)-2-nitro-4-[(trifluoromethyl)sulfonyl]aniline 'C13 H7 Cl F4 N2 O4 S'
#
# COMPACT_ATOMS: atom_id res chain seq x y z
N PHE A 3 29.58 7.71 -11.73
CA PHE A 3 29.44 6.20 -11.70
C PHE A 3 29.59 5.61 -10.27
N LYS A 4 28.70 4.71 -9.87
CA LYS A 4 28.75 4.11 -8.51
C LYS A 4 29.24 2.66 -8.50
N GLY A 5 30.02 2.28 -7.49
CA GLY A 5 30.47 0.89 -7.37
C GLY A 5 29.31 0.01 -6.88
N LEU A 6 29.19 -1.46 -6.96
CA LEU A 6 28.02 -2.33 -6.70
C LEU A 6 27.52 -2.19 -5.32
N ASP A 7 28.42 -2.22 -4.31
CA ASP A 7 27.98 -2.10 -2.91
C ASP A 7 27.20 -0.82 -2.74
N SER A 8 27.62 0.28 -3.38
CA SER A 8 26.93 1.53 -3.10
C SER A 8 25.53 1.60 -3.74
N LYS A 9 25.19 0.70 -4.65
CA LYS A 9 23.84 0.63 -5.24
C LYS A 9 22.94 -0.44 -4.66
N THR A 10 23.43 -1.10 -3.59
CA THR A 10 22.74 -2.27 -3.02
C THR A 10 22.39 -1.94 -1.58
N PHE A 11 21.17 -2.35 -1.17
CA PHE A 11 20.84 -2.11 0.26
C PHE A 11 19.92 -3.28 0.69
N LEU A 12 20.04 -3.57 1.98
CA LEU A 12 19.14 -4.65 2.54
C LEU A 12 17.87 -4.09 3.18
N SER A 13 16.80 -4.80 3.01
CA SER A 13 15.59 -4.50 3.82
C SER A 13 14.96 -5.72 4.42
N GLU A 14 14.17 -5.53 5.49
CA GLU A 14 13.45 -6.67 6.13
C GLU A 14 12.00 -6.25 6.21
N HIS A 15 11.18 -7.28 6.04
CA HIS A 15 9.73 -7.02 6.07
C HIS A 15 9.01 -8.03 6.87
N SER A 16 7.89 -7.61 7.48
CA SER A 16 6.97 -8.67 8.04
C SER A 16 6.22 -9.35 6.88
N MET A 17 5.47 -10.45 7.23
CA MET A 17 4.88 -11.26 6.17
C MET A 17 3.73 -10.44 5.51
N ASP A 18 3.26 -9.41 6.23
CA ASP A 18 2.36 -8.39 5.62
C ASP A 18 3.02 -7.39 4.64
N MET A 19 4.32 -7.60 4.33
CA MET A 19 5.18 -6.80 3.45
C MET A 19 5.50 -5.42 4.05
N LYS A 20 5.11 -5.19 5.30
CA LYS A 20 5.52 -3.89 5.86
C LYS A 20 7.05 -3.89 6.16
N PHE A 21 7.73 -2.77 5.89
CA PHE A 21 9.14 -2.65 6.28
C PHE A 21 9.24 -2.77 7.84
N THR A 22 10.20 -3.57 8.26
CA THR A 22 10.63 -3.63 9.65
C THR A 22 12.07 -3.20 9.85
N TYR A 23 12.85 -3.11 8.78
CA TYR A 23 14.22 -2.64 8.89
C TYR A 23 14.64 -2.22 7.48
N CYS A 24 15.45 -1.16 7.36
CA CYS A 24 16.07 -0.92 6.07
C CYS A 24 17.45 -0.28 6.37
N ASP A 25 18.41 -0.68 5.52
CA ASP A 25 19.77 -0.20 5.55
C ASP A 25 19.77 1.33 5.28
N ASP A 26 20.71 2.06 5.88
CA ASP A 26 20.71 3.54 5.63
C ASP A 26 21.19 3.87 4.22
N ARG A 27 21.73 2.90 3.47
CA ARG A 27 22.15 3.17 2.10
C ARG A 27 21.00 3.67 1.22
N ILE A 28 19.74 3.37 1.63
CA ILE A 28 18.64 3.74 0.76
C ILE A 28 18.53 5.26 0.62
N THR A 29 19.02 5.93 1.64
CA THR A 29 18.81 7.41 1.68
C THR A 29 19.50 8.07 0.51
N GLU A 30 20.76 7.74 0.29
CA GLU A 30 21.45 8.31 -0.90
C GLU A 30 20.90 7.91 -2.27
N LEU A 31 20.26 6.75 -2.37
CA LEU A 31 19.81 6.19 -3.59
C LEU A 31 18.35 6.64 -3.93
N ILE A 32 17.46 6.75 -2.92
CA ILE A 32 16.04 6.88 -3.22
C ILE A 32 15.42 8.01 -2.33
N GLY A 33 16.14 8.40 -1.26
CA GLY A 33 15.83 9.62 -0.52
C GLY A 33 15.15 9.36 0.80
N TYR A 34 14.63 8.12 1.03
CA TYR A 34 14.00 7.80 2.30
C TYR A 34 15.00 7.58 3.47
N HIS A 35 14.59 8.04 4.63
CA HIS A 35 15.25 7.66 5.85
C HIS A 35 14.58 6.36 6.31
N PRO A 36 15.40 5.39 6.72
CA PRO A 36 14.78 4.11 7.06
C PRO A 36 13.63 4.21 8.07
N GLU A 37 13.76 5.14 9.06
CA GLU A 37 12.71 5.16 10.04
C GLU A 37 11.35 5.56 9.49
N GLU A 38 11.31 6.33 8.41
CA GLU A 38 10.00 6.71 7.81
C GLU A 38 9.34 5.60 7.00
N LEU A 39 10.14 4.55 6.75
CA LEU A 39 9.56 3.42 5.99
C LEU A 39 8.89 2.42 6.90
N LEU A 40 9.32 2.32 8.15
CA LEU A 40 8.84 1.27 9.05
C LEU A 40 7.33 1.29 9.12
N GLY A 41 6.72 0.10 9.13
CA GLY A 41 5.26 0.04 9.23
C GLY A 41 4.48 0.25 7.93
N ARG A 42 5.19 0.62 6.87
CA ARG A 42 4.55 0.75 5.56
C ARG A 42 4.80 -0.37 4.67
N SER A 43 3.73 -0.85 4.04
CA SER A 43 3.87 -1.96 3.09
C SER A 43 4.64 -1.62 1.83
N ALA A 44 5.37 -2.64 1.28
CA ALA A 44 6.04 -2.43 0.01
C ALA A 44 5.04 -1.98 -1.05
N TYR A 45 3.81 -2.45 -0.93
CA TYR A 45 2.85 -2.09 -1.94
C TYR A 45 2.55 -0.59 -2.05
N GLU A 46 2.82 0.17 -0.99
CA GLU A 46 2.58 1.61 -1.08
C GLU A 46 3.51 2.29 -2.04
N PHE A 47 4.58 1.58 -2.46
CA PHE A 47 5.65 2.22 -3.22
C PHE A 47 5.75 1.75 -4.71
N TYR A 48 5.04 0.70 -5.09
CA TYR A 48 5.16 0.16 -6.49
C TYR A 48 4.42 1.08 -7.43
N HIS A 49 5.08 1.45 -8.55
CA HIS A 49 4.31 2.01 -9.68
C HIS A 49 3.09 1.24 -10.02
N ALA A 50 1.99 1.93 -10.37
CA ALA A 50 0.74 1.30 -10.73
C ALA A 50 0.96 0.19 -11.80
N LEU A 51 1.84 0.47 -12.77
CA LEU A 51 2.01 -0.42 -13.96
C LEU A 51 2.80 -1.66 -13.61
N ASP A 52 3.36 -1.66 -12.39
CA ASP A 52 4.06 -2.83 -11.81
C ASP A 52 3.28 -3.55 -10.75
N SER A 53 2.11 -3.01 -10.38
CA SER A 53 1.43 -3.53 -9.19
C SER A 53 0.89 -4.93 -9.35
N GLU A 54 0.28 -5.22 -10.49
CA GLU A 54 -0.22 -6.59 -10.69
C GLU A 54 0.90 -7.63 -10.73
N ASN A 55 2.03 -7.33 -11.41
CA ASN A 55 3.20 -8.26 -11.53
C ASN A 55 3.91 -8.43 -10.17
N MET A 56 3.98 -7.34 -9.39
CA MET A 56 4.52 -7.54 -8.04
C MET A 56 3.62 -8.42 -7.15
N THR A 57 2.29 -8.32 -7.30
CA THR A 57 1.37 -9.08 -6.47
C THR A 57 1.61 -10.58 -6.81
N LYS A 58 1.83 -10.88 -8.10
CA LYS A 58 2.11 -12.25 -8.59
C LYS A 58 3.46 -12.73 -8.01
N SER A 59 4.45 -11.83 -7.95
CA SER A 59 5.76 -12.24 -7.37
C SER A 59 5.69 -12.50 -5.93
N HIS A 60 4.90 -11.70 -5.21
CA HIS A 60 4.72 -11.92 -3.77
C HIS A 60 4.08 -13.28 -3.58
N GLN A 61 3.12 -13.63 -4.44
CA GLN A 61 2.43 -14.90 -4.26
C GLN A 61 3.43 -16.04 -4.38
N ASN A 62 4.27 -15.94 -5.42
CA ASN A 62 5.35 -16.89 -5.72
C ASN A 62 6.37 -17.00 -4.61
N LEU A 63 6.71 -15.85 -3.98
CA LEU A 63 7.64 -15.87 -2.81
C LEU A 63 7.08 -16.67 -1.68
N CYS A 64 5.77 -16.52 -1.50
CA CYS A 64 5.09 -17.09 -0.36
C CYS A 64 4.86 -18.59 -0.62
N THR A 65 4.82 -19.02 -1.89
CA THR A 65 4.75 -20.47 -2.19
C THR A 65 6.13 -21.11 -2.38
N LYS A 66 7.06 -20.39 -3.01
CA LYS A 66 8.38 -21.00 -3.23
C LYS A 66 9.39 -20.78 -2.07
N GLY A 67 9.33 -19.66 -1.36
CA GLY A 67 10.35 -19.40 -0.31
C GLY A 67 11.43 -18.40 -0.70
N GLN A 68 11.71 -18.29 -1.99
CA GLN A 68 12.76 -17.40 -2.54
C GLN A 68 12.49 -17.02 -4.02
N VAL A 69 12.52 -15.72 -4.39
CA VAL A 69 12.19 -15.23 -5.76
C VAL A 69 12.97 -13.96 -6.06
N VAL A 70 13.38 -13.79 -7.30
CA VAL A 70 13.84 -12.53 -7.77
C VAL A 70 12.65 -11.81 -8.38
N SER A 71 12.60 -10.52 -8.15
CA SER A 71 11.49 -9.68 -8.61
C SER A 71 11.42 -9.48 -10.12
N GLY A 72 12.55 -9.48 -10.82
CA GLY A 72 12.43 -8.79 -12.13
C GLY A 72 12.41 -7.25 -11.96
N GLN A 73 12.39 -6.51 -13.06
CA GLN A 73 12.64 -5.07 -13.00
C GLN A 73 11.37 -4.31 -12.64
N TYR A 74 11.43 -3.51 -11.56
CA TYR A 74 10.24 -2.78 -11.11
C TYR A 74 10.66 -1.37 -10.60
N ARG A 75 9.65 -0.52 -10.39
CA ARG A 75 9.86 0.87 -9.99
C ARG A 75 9.42 1.09 -8.56
N MET A 76 10.28 1.75 -7.78
CA MET A 76 9.87 2.25 -6.48
C MET A 76 9.68 3.78 -6.53
N LEU A 77 8.51 4.24 -5.98
CA LEU A 77 8.25 5.69 -5.81
C LEU A 77 9.37 6.23 -4.96
N ALA A 78 10.03 7.28 -5.42
CA ALA A 78 11.13 7.90 -4.61
C ALA A 78 10.55 8.97 -3.67
N LYS A 79 11.32 9.33 -2.63
CA LYS A 79 10.80 10.18 -1.53
C LYS A 79 10.18 11.50 -1.98
N HIS A 80 10.81 12.14 -2.94
CA HIS A 80 10.34 13.44 -3.43
C HIS A 80 9.68 13.32 -4.76
N GLY A 81 9.07 12.17 -5.04
CA GLY A 81 8.43 11.98 -6.34
C GLY A 81 9.33 11.43 -7.43
N GLY A 82 8.68 10.98 -8.49
CA GLY A 82 9.32 10.15 -9.50
C GLY A 82 9.68 8.77 -8.91
N TYR A 83 10.39 7.97 -9.74
CA TYR A 83 10.59 6.55 -9.53
C TYR A 83 12.02 6.13 -9.79
N VAL A 84 12.47 5.12 -9.01
CA VAL A 84 13.77 4.45 -9.26
C VAL A 84 13.52 3.00 -9.71
N TRP A 85 14.21 2.49 -10.73
CA TRP A 85 14.14 1.09 -11.06
C TRP A 85 15.02 0.22 -10.14
N LEU A 86 14.47 -0.88 -9.67
CA LEU A 86 15.16 -1.77 -8.75
C LEU A 86 14.96 -3.17 -9.27
N GLU A 87 15.80 -4.08 -8.80
CA GLU A 87 15.54 -5.49 -8.85
C GLU A 87 15.81 -5.98 -7.41
N THR A 88 14.96 -6.87 -6.91
CA THR A 88 15.09 -7.38 -5.55
C THR A 88 15.15 -8.92 -5.52
N GLN A 89 16.04 -9.47 -4.70
CA GLN A 89 15.94 -10.88 -4.36
C GLN A 89 15.30 -10.95 -2.97
N GLY A 90 14.15 -11.62 -2.90
CA GLY A 90 13.41 -11.88 -1.66
C GLY A 90 13.63 -13.29 -1.09
N THR A 91 13.83 -13.36 0.22
CA THR A 91 13.94 -14.67 0.90
C THR A 91 13.12 -14.73 2.11
N VAL A 92 12.24 -15.73 2.25
CA VAL A 92 11.49 -15.88 3.48
C VAL A 92 12.34 -16.66 4.46
N ILE A 93 12.34 -16.18 5.69
CA ILE A 93 12.99 -16.78 6.87
C ILE A 93 11.90 -17.41 7.70
N TYR A 94 11.97 -18.75 7.78
CA TYR A 94 10.89 -19.54 8.46
C TYR A 94 11.47 -19.99 9.75
N ASN A 95 10.65 -20.20 10.77
CA ASN A 95 11.30 -20.42 12.06
C ASN A 95 11.57 -21.87 12.53
N PRO A 96 10.96 -22.25 13.68
CA PRO A 96 11.23 -23.47 14.46
C PRO A 96 10.95 -24.76 13.71
N PRO A 101 6.38 -18.90 8.86
CA PRO A 101 7.29 -17.85 8.33
C PRO A 101 7.42 -16.73 9.30
N GLN A 102 8.64 -16.16 9.47
CA GLN A 102 8.92 -15.04 10.37
C GLN A 102 9.05 -13.66 9.76
N CYS A 103 9.74 -13.58 8.65
CA CYS A 103 10.06 -12.25 8.03
C CYS A 103 10.59 -12.50 6.67
N ILE A 104 10.61 -11.47 5.85
CA ILE A 104 11.15 -11.55 4.54
C ILE A 104 12.39 -10.68 4.50
N MET A 105 13.49 -11.24 3.96
CA MET A 105 14.75 -10.49 3.77
C MET A 105 14.94 -10.18 2.33
N CYS A 106 15.28 -8.93 2.06
CA CYS A 106 15.34 -8.42 0.70
C CYS A 106 16.71 -7.87 0.44
N VAL A 107 17.30 -8.25 -0.71
CA VAL A 107 18.50 -7.58 -1.18
C VAL A 107 18.11 -6.81 -2.41
N ASN A 108 18.25 -5.47 -2.35
CA ASN A 108 17.70 -4.58 -3.35
C ASN A 108 18.86 -3.91 -4.09
N TYR A 109 18.78 -3.91 -5.40
CA TYR A 109 19.83 -3.30 -6.23
CA TYR A 109 19.80 -3.33 -6.24
C TYR A 109 19.19 -2.30 -7.19
N VAL A 110 19.70 -1.12 -7.14
CA VAL A 110 19.17 0.04 -7.86
C VAL A 110 19.78 0.00 -9.24
N LEU A 111 18.86 0.00 -10.22
CA LEU A 111 19.19 0.06 -11.67
C LEU A 111 19.19 1.44 -12.29
N SER A 112 18.60 2.47 -11.67
CA SER A 112 18.58 3.79 -12.27
C SER A 112 18.72 4.93 -11.26
N GLU A 113 18.97 6.17 -11.70
CA GLU A 113 18.75 7.35 -10.84
C GLU A 113 17.20 7.68 -10.74
N ILE A 114 16.81 8.67 -9.93
CA ILE A 114 15.36 9.07 -9.83
C ILE A 114 14.91 9.64 -11.17
N GLU A 115 13.78 9.15 -11.66
CA GLU A 115 13.20 9.58 -12.95
C GLU A 115 11.83 10.17 -12.75
N CYS B 9 -28.95 7.33 -13.70
CA CYS B 9 -28.14 6.09 -13.63
C CYS B 9 -27.67 5.87 -12.20
N GLN B 10 -27.55 4.61 -11.81
CA GLN B 10 -27.01 4.24 -10.49
C GLN B 10 -25.52 4.62 -10.42
N PRO B 11 -25.09 5.40 -9.38
CA PRO B 11 -23.63 5.62 -9.24
C PRO B 11 -22.97 4.28 -8.83
N THR B 12 -21.68 4.11 -9.03
CA THR B 12 -21.17 2.80 -8.69
C THR B 12 -20.45 2.98 -7.36
N ARG B 13 -20.83 2.15 -6.39
CA ARG B 13 -20.24 2.24 -5.04
C ARG B 13 -20.25 0.95 -4.24
N PHE B 14 -19.34 0.90 -3.26
CA PHE B 14 -19.32 -0.22 -2.37
C PHE B 14 -18.88 0.22 -1.01
N ILE B 15 -19.26 -0.59 0.01
CA ILE B 15 -18.96 -0.29 1.39
C ILE B 15 -17.70 -1.04 1.84
N SER B 16 -16.93 -0.44 2.72
CA SER B 16 -15.83 -1.16 3.32
C SER B 16 -15.72 -0.77 4.77
N ARG B 17 -15.16 -1.67 5.60
CA ARG B 17 -14.82 -1.28 7.01
C ARG B 17 -13.31 -1.35 7.11
N HIS B 18 -12.73 -0.52 7.97
CA HIS B 18 -11.28 -0.48 8.08
C HIS B 18 -10.95 -0.39 9.55
N ASN B 19 -9.76 -0.86 9.93
CA ASN B 19 -9.23 -0.42 11.22
C ASN B 19 -8.76 0.99 11.21
N ILE B 20 -8.40 1.51 12.35
CA ILE B 20 -8.11 2.92 12.41
C ILE B 20 -6.79 3.18 11.63
N GLU B 21 -5.96 2.15 11.37
CA GLU B 21 -4.77 2.29 10.51
C GLU B 21 -5.02 2.38 9.05
N GLY B 22 -6.21 1.97 8.61
CA GLY B 22 -6.50 2.00 7.18
C GLY B 22 -6.70 0.62 6.54
N ILE B 23 -6.41 -0.46 7.27
CA ILE B 23 -6.49 -1.80 6.65
C ILE B 23 -7.94 -2.24 6.40
N PHE B 24 -8.24 -2.74 5.19
CA PHE B 24 -9.56 -3.29 4.91
C PHE B 24 -9.85 -4.45 5.86
N THR B 25 -10.94 -4.39 6.59
CA THR B 25 -11.35 -5.55 7.41
C THR B 25 -12.63 -6.15 6.92
N PHE B 26 -13.33 -5.47 6.01
CA PHE B 26 -14.56 -5.97 5.44
C PHE B 26 -14.72 -5.28 4.09
N VAL B 27 -15.11 -6.01 3.05
CA VAL B 27 -15.37 -5.41 1.72
C VAL B 27 -16.64 -5.99 1.10
N ASP B 28 -17.60 -5.16 0.75
CA ASP B 28 -18.87 -5.47 0.09
C ASP B 28 -18.53 -5.81 -1.37
N HIS B 29 -19.04 -6.92 -1.85
CA HIS B 29 -18.71 -7.48 -3.17
C HIS B 29 -19.09 -6.59 -4.33
N ARG B 30 -19.85 -5.50 -4.07
CA ARG B 30 -20.02 -4.44 -5.12
C ARG B 30 -18.70 -3.86 -5.58
N CYS B 31 -17.64 -4.11 -4.80
CA CYS B 31 -16.31 -3.59 -5.19
C CYS B 31 -15.89 -4.15 -6.58
N VAL B 32 -16.38 -5.36 -6.92
CA VAL B 32 -15.92 -6.04 -8.21
C VAL B 32 -16.37 -5.19 -9.38
N ALA B 33 -17.62 -4.78 -9.39
CA ALA B 33 -18.08 -3.90 -10.40
C ALA B 33 -17.50 -2.45 -10.39
N THR B 34 -17.16 -1.92 -9.20
CA THR B 34 -16.72 -0.53 -9.01
C THR B 34 -15.22 -0.46 -9.39
N VAL B 35 -14.38 -1.39 -8.89
CA VAL B 35 -12.90 -1.22 -9.04
C VAL B 35 -12.20 -2.44 -9.62
N GLY B 36 -12.95 -3.53 -9.79
CA GLY B 36 -12.48 -4.76 -10.45
C GLY B 36 -11.88 -5.88 -9.59
N TYR B 37 -11.66 -5.62 -8.31
CA TYR B 37 -11.01 -6.58 -7.45
C TYR B 37 -12.07 -7.37 -6.79
N GLN B 38 -11.73 -8.64 -6.51
CA GLN B 38 -12.51 -9.42 -5.53
C GLN B 38 -12.23 -8.93 -4.13
N PRO B 39 -13.21 -9.08 -3.20
CA PRO B 39 -12.98 -8.64 -1.85
C PRO B 39 -11.74 -9.18 -1.28
N GLN B 40 -11.39 -10.47 -1.54
CA GLN B 40 -10.16 -11.03 -1.00
C GLN B 40 -8.86 -10.36 -1.45
N GLU B 41 -8.89 -9.61 -2.57
CA GLU B 41 -7.70 -8.90 -3.02
C GLU B 41 -7.51 -7.60 -2.29
N LEU B 42 -8.56 -7.14 -1.60
CA LEU B 42 -8.46 -5.94 -0.80
C LEU B 42 -8.32 -6.21 0.71
N LEU B 43 -9.04 -7.20 1.21
CA LEU B 43 -8.93 -7.55 2.68
C LEU B 43 -7.50 -7.72 3.17
N GLY B 44 -7.18 -7.14 4.32
CA GLY B 44 -5.79 -7.22 4.83
C GLY B 44 -4.77 -6.27 4.33
N LYS B 45 -5.12 -5.51 3.29
CA LYS B 45 -4.30 -4.43 2.79
C LYS B 45 -4.77 -3.09 3.24
N ASN B 46 -3.83 -2.14 3.30
CA ASN B 46 -4.18 -0.80 3.65
C ASN B 46 -4.74 -0.13 2.38
N ILE B 47 -5.81 0.66 2.56
CA ILE B 47 -6.36 1.36 1.44
C ILE B 47 -5.28 2.22 0.75
N VAL B 48 -4.30 2.73 1.51
CA VAL B 48 -3.22 3.55 0.93
C VAL B 48 -2.43 2.80 -0.15
N GLU B 49 -2.48 1.47 -0.13
CA GLU B 49 -1.76 0.66 -1.09
C GLU B 49 -2.41 0.77 -2.47
N PHE B 50 -3.63 1.30 -2.54
CA PHE B 50 -4.29 1.41 -3.82
C PHE B 50 -4.38 2.82 -4.25
N CYS B 51 -3.79 3.76 -3.50
CA CYS B 51 -3.91 5.13 -3.71
C CYS B 51 -2.74 5.76 -4.47
N HIS B 52 -3.10 6.68 -5.35
CA HIS B 52 -2.08 7.44 -6.13
C HIS B 52 -1.05 8.10 -5.21
N PRO B 53 0.24 8.09 -5.61
CA PRO B 53 1.21 8.72 -4.72
C PRO B 53 0.96 10.15 -4.29
N GLU B 54 0.35 10.96 -5.13
CA GLU B 54 0.07 12.34 -4.83
C GLU B 54 -1.05 12.47 -3.79
N ASP B 55 -1.89 11.42 -3.61
CA ASP B 55 -3.05 11.40 -2.71
C ASP B 55 -2.84 10.65 -1.42
N GLN B 56 -1.69 9.92 -1.33
CA GLN B 56 -1.51 8.99 -0.25
C GLN B 56 -1.46 9.67 1.12
N GLN B 57 -0.79 10.81 1.18
CA GLN B 57 -0.70 11.44 2.52
C GLN B 57 -2.06 12.00 2.93
N LEU B 58 -2.76 12.61 1.98
CA LEU B 58 -4.15 13.07 2.23
C LEU B 58 -5.01 11.96 2.76
N LEU B 59 -4.89 10.77 2.19
CA LEU B 59 -5.69 9.66 2.64
C LEU B 59 -5.31 9.24 4.06
N ARG B 60 -4.00 9.15 4.34
CA ARG B 60 -3.55 8.87 5.71
C ARG B 60 -4.05 9.92 6.70
N ASP B 61 -3.96 11.20 6.31
CA ASP B 61 -4.37 12.27 7.27
C ASP B 61 -5.90 12.17 7.50
N SER B 62 -6.62 11.73 6.45
CA SER B 62 -8.13 11.64 6.54
C SER B 62 -8.55 10.51 7.48
N PHE B 63 -7.85 9.40 7.42
CA PHE B 63 -8.11 8.32 8.38
C PHE B 63 -7.75 8.77 9.77
N GLN B 64 -6.68 9.55 9.94
CA GLN B 64 -6.33 10.03 11.28
C GLN B 64 -7.43 10.96 11.78
N GLN B 65 -7.95 11.84 10.92
CA GLN B 65 -8.87 12.84 11.46
C GLN B 65 -10.28 12.29 11.69
N VAL B 66 -10.72 11.30 10.93
CA VAL B 66 -12.10 10.90 11.10
C VAL B 66 -12.30 10.43 12.53
N VAL B 67 -11.25 9.86 13.19
CA VAL B 67 -11.47 9.36 14.57
C VAL B 67 -11.57 10.52 15.52
N LYS B 68 -11.16 11.73 15.09
CA LYS B 68 -11.31 12.91 15.97
C LYS B 68 -12.62 13.67 15.83
N LEU B 69 -13.40 13.37 14.77
CA LEU B 69 -14.59 14.15 14.45
C LEU B 69 -15.88 13.58 15.13
N LYS B 70 -15.73 12.88 16.24
CA LYS B 70 -16.94 12.61 17.08
C LYS B 70 -17.99 11.86 16.21
N GLY B 71 -17.54 10.78 15.57
CA GLY B 71 -18.38 10.02 14.68
C GLY B 71 -19.10 10.69 13.49
N GLN B 72 -18.82 11.99 13.14
CA GLN B 72 -19.40 12.77 12.06
C GLN B 72 -18.74 12.26 10.66
N VAL B 73 -19.30 12.58 9.51
CA VAL B 73 -18.81 12.06 8.23
C VAL B 73 -17.64 12.94 7.75
N LEU B 74 -16.56 12.27 7.29
CA LEU B 74 -15.46 12.93 6.60
C LEU B 74 -15.40 12.37 5.18
N SER B 75 -15.29 13.28 4.18
CA SER B 75 -15.18 12.80 2.84
C SER B 75 -13.77 13.11 2.30
N VAL B 76 -13.34 12.25 1.39
CA VAL B 76 -12.02 12.45 0.73
C VAL B 76 -12.19 12.08 -0.74
N MET B 77 -11.50 12.81 -1.65
CA MET B 77 -11.47 12.32 -2.99
C MET B 77 -10.04 11.94 -3.34
N PHE B 78 -9.85 10.81 -3.97
CA PHE B 78 -8.52 10.35 -4.29
C PHE B 78 -8.58 9.36 -5.48
N ARG B 79 -7.42 9.17 -6.09
CA ARG B 79 -7.27 8.30 -7.22
C ARG B 79 -6.95 6.91 -6.73
N PHE B 80 -7.79 5.98 -7.11
CA PHE B 80 -7.71 4.58 -6.73
C PHE B 80 -7.32 3.72 -7.93
N ARG B 81 -6.37 2.82 -7.71
CA ARG B 81 -5.82 2.02 -8.79
C ARG B 81 -6.73 0.84 -9.02
N SER B 82 -7.39 0.80 -10.19
CA SER B 82 -8.30 -0.33 -10.44
C SER B 82 -7.57 -1.62 -10.78
N LYS B 83 -8.33 -2.71 -10.93
CA LYS B 83 -7.74 -3.99 -11.28
C LYS B 83 -7.06 -3.94 -12.65
N ASN B 84 -7.46 -2.97 -13.42
CA ASN B 84 -6.73 -2.72 -14.68
C ASN B 84 -5.57 -1.74 -14.58
N GLN B 85 -5.04 -1.52 -13.37
CA GLN B 85 -3.93 -0.55 -13.18
C GLN B 85 -4.20 0.87 -13.66
N GLU B 86 -5.51 1.26 -13.73
CA GLU B 86 -5.92 2.62 -14.10
C GLU B 86 -6.37 3.43 -12.94
N TRP B 87 -6.07 4.70 -12.92
CA TRP B 87 -6.46 5.58 -11.81
C TRP B 87 -7.92 6.01 -11.96
N LEU B 88 -8.74 5.64 -11.00
CA LEU B 88 -10.17 5.99 -11.01
C LEU B 88 -10.37 6.99 -9.90
N TRP B 89 -11.01 8.13 -10.17
CA TRP B 89 -11.34 9.09 -9.05
C TRP B 89 -12.42 8.43 -8.15
N MET B 90 -12.11 8.37 -6.88
CA MET B 90 -13.09 7.89 -5.87
C MET B 90 -13.43 8.96 -4.87
N ARG B 91 -14.68 8.94 -4.41
CA ARG B 91 -15.06 9.78 -3.31
C ARG B 91 -15.44 8.83 -2.16
N THR B 92 -14.64 8.83 -1.09
CA THR B 92 -14.84 7.95 0.08
C THR B 92 -15.42 8.82 1.16
N SER B 93 -16.60 8.42 1.68
CA SER B 93 -17.24 9.09 2.78
C SER B 93 -17.12 8.15 3.97
N SER B 94 -16.57 8.61 5.11
CA SER B 94 -16.19 7.69 6.18
C SER B 94 -16.67 8.26 7.48
N PHE B 95 -16.91 7.39 8.45
CA PHE B 95 -17.29 7.83 9.80
C PHE B 95 -16.95 6.72 10.76
N THR B 96 -16.71 7.05 12.04
CA THR B 96 -16.32 5.93 12.94
C THR B 96 -17.57 5.33 13.59
N PHE B 97 -17.43 4.06 13.96
CA PHE B 97 -18.50 3.43 14.78
C PHE B 97 -17.84 2.78 15.99
N GLN B 98 -18.47 3.04 17.14
CA GLN B 98 -18.07 2.42 18.37
C GLN B 98 -19.37 2.05 19.12
N ASN B 99 -19.57 0.78 19.52
CA ASN B 99 -20.81 0.38 20.18
C ASN B 99 -20.77 0.88 21.66
N PRO B 100 -21.67 1.80 22.04
CA PRO B 100 -21.62 2.43 23.35
C PRO B 100 -21.86 1.46 24.50
N TYR B 101 -22.29 0.25 24.20
CA TYR B 101 -22.39 -0.78 25.29
C TYR B 101 -21.03 -1.34 25.57
N SER B 102 -20.01 -0.88 24.82
CA SER B 102 -18.65 -1.48 25.00
C SER B 102 -17.59 -0.43 25.09
N ASP B 103 -16.36 -0.86 25.40
CA ASP B 103 -15.18 0.02 25.25
C ASP B 103 -14.21 -0.58 24.21
N GLU B 104 -14.80 -1.22 23.20
CA GLU B 104 -13.96 -1.78 22.17
C GLU B 104 -13.50 -0.65 21.20
N ILE B 105 -12.36 -0.87 20.55
CA ILE B 105 -11.81 0.22 19.69
C ILE B 105 -12.77 0.52 18.52
N GLU B 106 -12.91 1.82 18.26
CA GLU B 106 -13.76 2.20 17.15
C GLU B 106 -13.11 1.62 15.85
N TYR B 107 -13.96 1.39 14.88
CA TYR B 107 -13.47 1.13 13.51
C TYR B 107 -14.15 2.16 12.59
N ILE B 108 -13.78 2.09 11.33
CA ILE B 108 -14.20 3.14 10.36
C ILE B 108 -15.05 2.47 9.30
N ILE B 109 -16.15 3.09 8.96
CA ILE B 109 -17.05 2.59 7.91
C ILE B 109 -16.94 3.53 6.74
N CYS B 110 -16.78 3.00 5.52
CA CYS B 110 -16.58 3.90 4.33
C CYS B 110 -17.60 3.58 3.28
N THR B 111 -18.06 4.56 2.47
CA THR B 111 -18.76 4.19 1.25
C THR B 111 -17.87 4.79 0.18
N ASN B 112 -17.62 4.07 -0.88
CA ASN B 112 -16.58 4.40 -1.89
C ASN B 112 -17.30 4.53 -3.22
N THR B 113 -17.31 5.73 -3.83
CA THR B 113 -18.09 5.88 -5.10
C THR B 113 -17.13 6.35 -6.17
N ASN B 114 -17.25 5.79 -7.40
CA ASN B 114 -16.46 6.37 -8.56
C ASN B 114 -17.09 7.67 -9.00
N VAL B 115 -16.32 8.74 -8.98
CA VAL B 115 -16.83 10.11 -9.25
C VAL B 115 -16.00 10.77 -10.37
N LYS B 116 -16.58 11.84 -10.94
CA LYS B 116 -15.86 12.66 -11.95
C LYS B 116 -15.05 13.73 -11.23
N ASN B 117 -13.85 13.98 -11.72
CA ASN B 117 -13.14 15.14 -11.22
C ASN B 117 -13.37 16.28 -12.21
N SER B 118 -14.54 16.87 -12.09
CA SER B 118 -14.81 18.05 -12.96
C SER B 118 -15.92 18.91 -12.37
O4 FOV C . 8.97 -6.80 0.82
N1 FOV C . 9.18 -7.79 -0.11
O3 FOV C . 8.93 -9.08 0.36
C3 FOV C . 9.49 -7.53 -1.43
C2 FOV C . 9.23 -8.50 -2.33
C4 FOV C . 9.97 -6.28 -1.90
N2 FOV C . 10.24 -5.32 -0.89
C11 FOV C . 10.72 -4.05 -1.25
C10 FOV C . 9.91 -3.21 -2.04
C9 FOV C . 10.37 -1.95 -2.32
CL1 FOV C . 9.32 -0.91 -3.25
C12 FOV C . 11.97 -3.59 -0.85
C13 FOV C . 12.38 -2.27 -1.15
F4 FOV C . 13.60 -1.78 -0.72
C8 FOV C . 11.57 -1.43 -1.92
C5 FOV C . 10.27 -6.11 -3.21
C6 FOV C . 9.98 -7.12 -4.14
C1 FOV C . 9.44 -8.31 -3.66
S1 FOV C . 9.11 -9.61 -4.65
O1 FOV C . 9.06 -9.13 -5.99
O2 FOV C . 8.03 -10.28 -4.05
C7 FOV C . 10.49 -10.60 -4.69
F1 FOV C . 11.59 -9.90 -5.00
F2 FOV C . 10.67 -11.18 -3.51
F3 FOV C . 10.35 -11.53 -5.67
#